data_7RQQ
#
_entry.id   7RQQ
#
_cell.length_a   42.787
_cell.length_b   84.944
_cell.length_c   64.243
_cell.angle_alpha   90.000
_cell.angle_beta   103.240
_cell.angle_gamma   90.000
#
_symmetry.space_group_name_H-M   'P 1 21 1'
#
loop_
_entity.id
_entity.type
_entity.pdbx_description
1 polymer 'F10 Heavy Chain'
2 polymer 'L9 Kappa Chain'
3 polymer 'PfCSP peptide NANPNVDP'
4 non-polymer 'SULFATE ION'
5 non-polymer 1,2-ETHANEDIOL
6 water water
#
loop_
_entity_poly.entity_id
_entity_poly.type
_entity_poly.pdbx_seq_one_letter_code
_entity_poly.pdbx_strand_id
1 'polypeptide(L)'
;(PCA)VQLVESGGGVVQPGRSLRLSCAASGFTFSSYGMHWVRQAPGKGLEWVAVIWYDGSNRYYADSVKGRFTISRDNSK
NTLFLQMNSLRAEDTAVYYCHRNYYDSSGPFDYWGQGTLVTVSSASTKGPSVFPLAPSSKSTSGGTAALGCLVKDYFPEP
VTVSWNSGALTSGVHTFPAVLQSSGLYSLSSVVTVPSSSLGTQTYICNVNHKPSNTKVDKKVEPKSCDKTH
;
H
2 'polypeptide(L)'
;DIQMTQSPSTLSASVGDRVTITCRASQFISRWLAWYQQKPGKAPKLLIYKASSLESGVPSRFSGSGSETHFTLTISSLQP
DDVATYYCQEYTSYGRTFGQGTKVEIKRTVAAPSVFIFPPSDEQLKSGTASVVCLLNNFYPREAKVQWKVDNALQSGNSQ
ESVTEQDSKDSTYSLSSTLTLSKADYEKHKVYACEVTHQGLSSPVTKSFNRGEC
;
L
3 'polypeptide(L)' NANPNVDP P
#
loop_
_chem_comp.id
_chem_comp.type
_chem_comp.name
_chem_comp.formula
EDO non-polymer 1,2-ETHANEDIOL 'C2 H6 O2'
SO4 non-polymer 'SULFATE ION' 'O4 S -2'
#
# COMPACT_ATOMS: atom_id res chain seq x y z
N PCA A 1 -6.21 -19.77 -15.72
CA PCA A 1 -5.85 -19.51 -14.35
CB PCA A 1 -4.71 -18.52 -14.23
CG PCA A 1 -4.62 -17.86 -15.60
CD PCA A 1 -5.47 -18.76 -16.46
OE PCA A 1 -5.55 -18.67 -17.68
C PCA A 1 -7.08 -18.96 -13.66
O PCA A 1 -7.92 -18.31 -14.27
N VAL A 2 -7.28 -19.32 -12.40
CA VAL A 2 -8.34 -18.65 -11.64
C VAL A 2 -8.04 -17.15 -11.54
N GLN A 3 -9.06 -16.31 -11.79
CA GLN A 3 -8.95 -14.87 -11.61
C GLN A 3 -10.20 -14.35 -10.93
N LEU A 4 -10.01 -13.44 -9.99
CA LEU A 4 -11.12 -12.78 -9.31
C LEU A 4 -10.95 -11.28 -9.54
N VAL A 5 -11.98 -10.62 -10.05
CA VAL A 5 -11.90 -9.19 -10.39
C VAL A 5 -13.03 -8.46 -9.65
N GLU A 6 -12.69 -7.64 -8.65
CA GLU A 6 -13.68 -6.89 -7.87
C GLU A 6 -14.08 -5.60 -8.58
N SER A 7 -15.32 -5.16 -8.35
CA SER A 7 -15.87 -3.95 -8.90
C SER A 7 -16.81 -3.32 -7.88
N GLY A 8 -16.97 -2.00 -7.97
CA GLY A 8 -17.98 -1.28 -7.21
C GLY A 8 -17.46 -0.22 -6.28
N GLY A 9 -16.15 0.00 -6.19
CA GLY A 9 -15.57 0.89 -5.20
C GLY A 9 -15.75 2.36 -5.59
N GLY A 10 -15.19 3.24 -4.77
CA GLY A 10 -15.39 4.68 -4.96
C GLY A 10 -15.94 5.31 -3.69
N VAL A 11 -16.36 6.51 -3.82
CA VAL A 11 -16.91 7.20 -2.66
C VAL A 11 -18.41 6.96 -2.62
N VAL A 12 -18.96 6.84 -1.42
CA VAL A 12 -20.38 6.59 -1.21
C VAL A 12 -20.75 7.29 0.08
N GLN A 13 -21.94 7.96 0.07
CA GLN A 13 -22.35 8.75 1.23
C GLN A 13 -22.82 7.85 2.35
N PRO A 14 -22.62 8.29 3.61
CA PRO A 14 -23.04 7.46 4.74
C PRO A 14 -24.54 7.28 4.73
N GLY A 15 -24.97 6.11 5.22
CA GLY A 15 -26.36 5.73 5.23
C GLY A 15 -26.82 5.00 3.98
N ARG A 16 -26.08 5.14 2.89
CA ARG A 16 -26.48 4.50 1.63
C ARG A 16 -26.10 3.03 1.64
N SER A 17 -26.57 2.31 0.63
CA SER A 17 -26.21 0.92 0.39
C SER A 17 -25.28 0.89 -0.81
N LEU A 18 -24.44 -0.14 -0.88
CA LEU A 18 -23.52 -0.26 -1.99
C LEU A 18 -23.42 -1.74 -2.28
N ARG A 19 -23.36 -2.13 -3.54
CA ARG A 19 -23.14 -3.56 -3.87
C ARG A 19 -21.80 -3.74 -4.57
N LEU A 20 -20.93 -4.57 -4.01
CA LEU A 20 -19.68 -4.83 -4.68
C LEU A 20 -19.87 -6.13 -5.44
N SER A 21 -19.08 -6.34 -6.47
CA SER A 21 -19.17 -7.59 -7.21
C SER A 21 -17.77 -8.11 -7.49
N CYS A 22 -17.70 -9.40 -7.71
CA CYS A 22 -16.42 -10.05 -7.99
C CYS A 22 -16.66 -11.02 -9.13
N ALA A 23 -16.10 -10.78 -10.30
CA ALA A 23 -16.34 -11.68 -11.42
C ALA A 23 -15.24 -12.73 -11.39
N ALA A 24 -15.62 -13.98 -11.29
CA ALA A 24 -14.62 -15.04 -11.17
C ALA A 24 -14.48 -15.76 -12.50
N SER A 25 -13.27 -16.17 -12.86
CA SER A 25 -13.14 -17.04 -14.02
C SER A 25 -12.13 -18.13 -13.70
N GLY A 26 -12.11 -19.20 -14.53
CA GLY A 26 -11.13 -20.27 -14.41
C GLY A 26 -11.60 -21.44 -13.55
N PHE A 27 -12.85 -21.38 -13.08
CA PHE A 27 -13.42 -22.43 -12.24
C PHE A 27 -14.92 -22.22 -12.21
N THR A 28 -15.65 -23.31 -11.94
CA THR A 28 -17.08 -23.30 -11.67
C THR A 28 -17.29 -23.33 -10.17
N PHE A 29 -18.15 -22.46 -9.66
CA PHE A 29 -18.36 -22.37 -8.22
C PHE A 29 -19.28 -23.54 -7.85
N SER A 30 -18.69 -24.74 -7.83
CA SER A 30 -19.45 -25.95 -7.50
C SER A 30 -18.83 -26.72 -6.35
N SER A 31 -17.94 -26.08 -5.59
CA SER A 31 -17.33 -26.69 -4.43
C SER A 31 -16.81 -25.57 -3.55
N TYR A 32 -16.78 -25.81 -2.24
CA TYR A 32 -16.17 -24.95 -1.21
C TYR A 32 -16.93 -23.61 -1.18
N GLY A 33 -16.27 -22.53 -0.77
CA GLY A 33 -16.93 -21.26 -0.57
C GLY A 33 -16.14 -20.12 -1.20
N MET A 34 -16.73 -18.92 -1.10
CA MET A 34 -16.07 -17.69 -1.47
C MET A 34 -16.31 -16.67 -0.37
N HIS A 35 -15.35 -15.78 -0.22
CA HIS A 35 -15.29 -14.89 0.92
C HIS A 35 -15.11 -13.46 0.50
N TRP A 36 -15.55 -12.54 1.37
CA TRP A 36 -15.12 -11.15 1.32
C TRP A 36 -14.25 -10.90 2.53
N VAL A 37 -13.17 -10.16 2.31
CA VAL A 37 -12.18 -9.79 3.33
C VAL A 37 -11.90 -8.31 3.12
N ARG A 38 -11.80 -7.56 4.20
CA ARG A 38 -11.59 -6.13 4.03
C ARG A 38 -10.47 -5.65 4.90
N GLN A 39 -9.96 -4.47 4.55
CA GLN A 39 -8.83 -3.92 5.27
C GLN A 39 -8.93 -2.40 5.27
N ALA A 40 -9.20 -1.85 6.43
CA ALA A 40 -9.29 -0.40 6.60
C ALA A 40 -7.90 0.25 6.53
N PRO A 41 -7.83 1.54 6.19
CA PRO A 41 -6.53 2.23 6.00
C PRO A 41 -5.52 1.90 7.07
N GLY A 42 -4.38 1.32 6.66
CA GLY A 42 -3.32 0.87 7.56
C GLY A 42 -3.74 0.07 8.79
N LYS A 43 -4.85 -0.67 8.71
CA LYS A 43 -5.23 -1.61 9.75
C LYS A 43 -5.07 -3.04 9.19
N GLY A 44 -5.53 -4.02 9.94
CA GLY A 44 -5.24 -5.41 9.63
C GLY A 44 -6.38 -6.01 8.78
N LEU A 45 -6.12 -7.23 8.26
CA LEU A 45 -7.14 -7.95 7.47
C LEU A 45 -8.30 -8.34 8.36
N GLU A 46 -9.52 -8.21 7.86
CA GLU A 46 -10.71 -8.57 8.62
C GLU A 46 -11.58 -9.39 7.71
N TRP A 47 -11.78 -10.65 8.06
CA TRP A 47 -12.74 -11.46 7.31
C TRP A 47 -14.16 -10.91 7.52
N VAL A 48 -14.97 -10.81 6.44
CA VAL A 48 -16.25 -10.14 6.48
C VAL A 48 -17.40 -11.12 6.27
N ALA A 49 -17.28 -12.04 5.31
CA ALA A 49 -18.42 -12.87 5.01
C ALA A 49 -17.99 -14.03 4.14
N VAL A 50 -18.80 -15.11 4.17
CA VAL A 50 -18.61 -16.28 3.30
C VAL A 50 -19.98 -16.76 2.79
N ILE A 51 -19.95 -17.44 1.65
CA ILE A 51 -21.11 -18.11 1.09
C ILE A 51 -20.59 -19.39 0.46
N TRP A 52 -21.41 -20.46 0.52
CA TRP A 52 -21.00 -21.72 -0.07
C TRP A 52 -21.47 -21.79 -1.51
N TYR A 53 -20.96 -22.78 -2.25
CA TYR A 53 -21.23 -22.88 -3.67
C TYR A 53 -22.71 -23.05 -3.97
N ASP A 54 -23.46 -23.62 -3.02
CA ASP A 54 -24.89 -23.86 -3.22
C ASP A 54 -25.76 -22.74 -2.64
N GLY A 55 -25.15 -21.62 -2.25
CA GLY A 55 -25.87 -20.51 -1.67
C GLY A 55 -26.10 -20.62 -0.19
N SER A 56 -25.72 -21.72 0.44
CA SER A 56 -25.96 -21.91 1.86
C SER A 56 -24.72 -21.51 2.67
N ASN A 57 -24.76 -21.77 3.97
CA ASN A 57 -23.65 -21.49 4.89
C ASN A 57 -23.18 -20.05 4.77
N ARG A 58 -24.13 -19.11 4.71
CA ARG A 58 -23.79 -17.69 4.71
C ARG A 58 -23.48 -17.24 6.14
N TYR A 59 -22.26 -16.76 6.36
CA TYR A 59 -21.89 -16.25 7.69
C TYR A 59 -21.18 -14.91 7.53
N TYR A 60 -21.17 -14.13 8.61
CA TYR A 60 -20.71 -12.75 8.60
C TYR A 60 -19.89 -12.49 9.83
N ALA A 61 -18.98 -11.54 9.75
CA ALA A 61 -18.37 -11.04 10.96
C ALA A 61 -19.41 -10.32 11.84
N ASP A 62 -19.18 -10.35 13.15
CA ASP A 62 -20.13 -9.75 14.08
C ASP A 62 -20.34 -8.28 13.78
N SER A 63 -19.26 -7.57 13.40
CA SER A 63 -19.36 -6.14 13.20
C SER A 63 -20.25 -5.75 12.04
N VAL A 64 -20.60 -6.69 11.17
CA VAL A 64 -21.29 -6.32 9.94
C VAL A 64 -22.52 -7.18 9.74
N LYS A 65 -22.73 -8.20 10.59
CA LYS A 65 -23.79 -9.16 10.31
C LYS A 65 -25.16 -8.45 10.26
N GLY A 66 -25.30 -7.37 11.00
CA GLY A 66 -26.60 -6.70 11.02
C GLY A 66 -26.94 -5.87 9.80
N ARG A 67 -26.01 -5.72 8.83
CA ARG A 67 -26.15 -4.74 7.76
C ARG A 67 -25.71 -5.25 6.40
N PHE A 68 -25.02 -6.39 6.31
CA PHE A 68 -24.43 -6.87 5.06
C PHE A 68 -25.18 -8.12 4.59
N THR A 69 -25.16 -8.35 3.27
CA THR A 69 -25.75 -9.55 2.69
C THR A 69 -24.81 -10.03 1.61
N ILE A 70 -24.37 -11.29 1.72
CA ILE A 70 -23.58 -11.88 0.66
C ILE A 70 -24.47 -12.74 -0.22
N SER A 71 -24.19 -12.76 -1.53
CA SER A 71 -24.96 -13.59 -2.45
C SER A 71 -24.10 -13.93 -3.65
N ARG A 72 -24.58 -14.87 -4.47
CA ARG A 72 -23.82 -15.26 -5.67
C ARG A 72 -24.80 -15.49 -6.82
N ASP A 73 -24.30 -15.27 -8.04
CA ASP A 73 -25.03 -15.56 -9.28
C ASP A 73 -24.13 -16.45 -10.13
N ASN A 74 -24.29 -17.76 -9.99
CA ASN A 74 -23.45 -18.71 -10.73
C ASN A 74 -23.60 -18.57 -12.25
N SER A 75 -24.82 -18.31 -12.74
CA SER A 75 -24.92 -18.20 -14.19
C SER A 75 -24.10 -17.04 -14.74
N LYS A 76 -23.65 -16.14 -13.86
CA LYS A 76 -22.76 -15.05 -14.22
C LYS A 76 -21.37 -15.23 -13.64
N ASN A 77 -21.14 -16.30 -12.89
CA ASN A 77 -19.86 -16.51 -12.20
C ASN A 77 -19.50 -15.29 -11.34
N THR A 78 -20.50 -14.72 -10.67
CA THR A 78 -20.27 -13.48 -9.94
C THR A 78 -20.68 -13.59 -8.49
N LEU A 79 -19.83 -13.09 -7.60
CA LEU A 79 -20.07 -13.03 -6.18
C LEU A 79 -20.48 -11.59 -5.85
N PHE A 80 -21.45 -11.40 -4.97
CA PHE A 80 -21.82 -10.04 -4.53
C PHE A 80 -21.67 -9.83 -3.03
N LEU A 81 -21.47 -8.57 -2.65
CA LEU A 81 -21.61 -8.14 -1.29
C LEU A 81 -22.44 -6.85 -1.28
N GLN A 82 -23.52 -6.87 -0.57
CA GLN A 82 -24.37 -5.68 -0.45
C GLN A 82 -24.17 -5.12 0.96
N MET A 83 -23.72 -3.89 1.03
CA MET A 83 -23.46 -3.27 2.31
C MET A 83 -24.51 -2.21 2.53
N ASN A 84 -25.25 -2.29 3.63
CA ASN A 84 -26.30 -1.31 3.93
C ASN A 84 -25.92 -0.43 5.12
N SER A 85 -26.58 0.73 5.22
CA SER A 85 -26.33 1.68 6.32
C SER A 85 -24.83 1.98 6.44
N LEU A 86 -24.22 2.38 5.31
CA LEU A 86 -22.77 2.51 5.24
C LEU A 86 -22.28 3.56 6.24
N ARG A 87 -21.15 3.28 6.86
CA ARG A 87 -20.71 4.24 7.89
C ARG A 87 -19.19 4.30 7.86
N ALA A 88 -18.64 5.25 8.65
CA ALA A 88 -17.18 5.47 8.62
C ALA A 88 -16.35 4.19 8.75
N GLU A 89 -16.74 3.27 9.64
CA GLU A 89 -15.96 2.05 9.84
C GLU A 89 -15.92 1.17 8.59
N ASP A 90 -16.72 1.45 7.56
CA ASP A 90 -16.74 0.57 6.39
C ASP A 90 -15.75 1.01 5.34
N THR A 91 -15.10 2.16 5.55
CA THR A 91 -14.04 2.59 4.64
C THR A 91 -12.89 1.58 4.71
N ALA A 92 -12.55 1.01 3.55
CA ALA A 92 -11.66 -0.16 3.53
C ALA A 92 -11.46 -0.61 2.09
N VAL A 93 -10.38 -1.32 1.88
CA VAL A 93 -10.20 -2.08 0.65
C VAL A 93 -10.89 -3.41 0.87
N TYR A 94 -11.75 -3.79 -0.08
CA TYR A 94 -12.51 -5.04 -0.01
C TYR A 94 -11.92 -5.99 -1.02
N TYR A 95 -11.58 -7.20 -0.56
CA TYR A 95 -11.09 -8.29 -1.40
C TYR A 95 -12.12 -9.40 -1.50
N CYS A 96 -12.26 -9.96 -2.70
CA CYS A 96 -12.91 -11.28 -2.81
C CYS A 96 -11.82 -12.37 -2.76
N HIS A 97 -12.20 -13.55 -2.26
CA HIS A 97 -11.14 -14.47 -1.83
C HIS A 97 -11.68 -15.90 -1.90
N ARG A 98 -10.85 -16.83 -2.35
CA ARG A 98 -11.26 -18.22 -2.41
C ARG A 98 -10.09 -19.03 -1.89
N ASN A 99 -10.38 -19.99 -1.02
CA ASN A 99 -9.32 -20.76 -0.38
C ASN A 99 -9.85 -22.14 -0.02
N TYR A 100 -9.11 -23.16 -0.39
CA TYR A 100 -9.41 -24.53 0.01
C TYR A 100 -8.15 -25.38 -0.16
N TYR A 101 -8.23 -26.62 0.30
CA TYR A 101 -7.11 -27.52 0.31
C TYR A 101 -7.61 -28.88 -0.17
N ASP A 102 -6.90 -29.51 -1.10
CA ASP A 102 -7.28 -30.88 -1.54
C ASP A 102 -5.98 -31.63 -1.80
N SER A 103 -6.08 -32.87 -2.32
CA SER A 103 -4.85 -33.67 -2.38
C SER A 103 -3.84 -33.11 -3.38
N SER A 104 -4.27 -32.34 -4.38
CA SER A 104 -3.30 -31.63 -5.21
C SER A 104 -2.55 -30.51 -4.49
N GLY A 105 -3.07 -29.98 -3.39
CA GLY A 105 -2.34 -28.98 -2.63
C GLY A 105 -3.25 -27.84 -2.18
N PRO A 106 -2.66 -26.75 -1.69
CA PRO A 106 -3.46 -25.57 -1.30
C PRO A 106 -3.85 -24.75 -2.51
N PHE A 107 -5.01 -24.08 -2.42
CA PHE A 107 -5.51 -23.24 -3.49
C PHE A 107 -5.96 -21.93 -2.82
N ASP A 108 -5.34 -20.82 -3.16
CA ASP A 108 -5.54 -19.55 -2.42
C ASP A 108 -5.52 -18.41 -3.42
N TYR A 109 -6.63 -17.69 -3.53
CA TYR A 109 -6.84 -16.68 -4.57
C TYR A 109 -7.42 -15.41 -3.95
N TRP A 110 -6.95 -14.27 -4.45
CA TRP A 110 -7.41 -12.96 -3.99
C TRP A 110 -7.64 -12.11 -5.21
N GLY A 111 -8.69 -11.28 -5.20
CA GLY A 111 -8.83 -10.20 -6.14
C GLY A 111 -7.80 -9.13 -5.86
N GLN A 112 -7.81 -8.09 -6.71
CA GLN A 112 -6.90 -6.96 -6.50
C GLN A 112 -7.41 -5.99 -5.44
N GLY A 113 -8.67 -6.08 -5.06
CA GLY A 113 -9.07 -5.15 -4.02
C GLY A 113 -9.81 -4.00 -4.67
N THR A 114 -10.81 -3.47 -3.99
CA THR A 114 -11.46 -2.26 -4.43
C THR A 114 -11.73 -1.41 -3.19
N LEU A 115 -11.46 -0.12 -3.29
CA LEU A 115 -11.44 0.75 -2.11
C LEU A 115 -12.78 1.48 -2.02
N VAL A 116 -13.49 1.28 -0.92
CA VAL A 116 -14.76 1.95 -0.66
C VAL A 116 -14.45 3.07 0.32
N THR A 117 -14.83 4.31 0.00
CA THR A 117 -14.65 5.43 0.92
C THR A 117 -16.03 5.96 1.27
N VAL A 118 -16.41 5.88 2.54
CA VAL A 118 -17.66 6.41 3.00
C VAL A 118 -17.44 7.88 3.43
N SER A 119 -18.08 8.79 2.71
CA SER A 119 -17.84 10.23 2.91
C SER A 119 -18.90 10.99 2.15
N SER A 120 -19.21 12.18 2.67
CA SER A 120 -20.04 13.19 1.99
C SER A 120 -19.24 14.08 1.08
N ALA A 121 -17.90 13.99 1.12
CA ALA A 121 -17.10 14.90 0.30
C ALA A 121 -17.18 14.51 -1.17
N SER A 122 -17.07 15.51 -2.03
CA SER A 122 -17.24 15.28 -3.46
C SER A 122 -15.98 14.70 -4.11
N THR A 123 -16.18 13.95 -5.18
CA THR A 123 -15.09 13.39 -5.98
C THR A 123 -14.32 14.51 -6.66
N LYS A 124 -13.00 14.39 -6.72
CA LYS A 124 -12.22 15.39 -7.47
C LYS A 124 -11.01 14.72 -8.11
N GLY A 125 -10.79 14.96 -9.40
CA GLY A 125 -9.66 14.37 -10.09
C GLY A 125 -8.38 15.15 -9.85
N PRO A 126 -7.24 14.49 -10.03
CA PRO A 126 -5.95 15.14 -9.72
C PRO A 126 -5.49 16.03 -10.83
N SER A 127 -4.69 17.03 -10.47
CA SER A 127 -3.76 17.64 -11.38
C SER A 127 -2.48 16.82 -11.35
N VAL A 128 -1.78 16.76 -12.47
CA VAL A 128 -0.53 15.99 -12.57
C VAL A 128 0.57 16.93 -13.04
N PHE A 129 1.60 17.12 -12.21
CA PHE A 129 2.65 18.03 -12.65
C PHE A 129 4.00 17.32 -12.72
N PRO A 130 4.87 17.73 -13.63
CA PRO A 130 6.17 17.06 -13.75
C PRO A 130 7.10 17.48 -12.62
N LEU A 131 7.89 16.50 -12.13
CA LEU A 131 9.09 16.75 -11.32
C LEU A 131 10.28 16.58 -12.23
N ALA A 132 10.79 17.67 -12.74
CA ALA A 132 11.71 17.67 -13.86
C ALA A 132 13.11 17.25 -13.41
N PRO A 133 13.77 16.34 -14.13
CA PRO A 133 15.17 16.03 -13.81
C PRO A 133 16.07 17.20 -14.16
N SER A 134 17.14 17.36 -13.39
CA SER A 134 18.11 18.43 -13.62
C SER A 134 19.44 18.04 -12.99
N SER A 135 20.40 18.94 -13.12
CA SER A 135 21.59 18.97 -12.27
C SER A 135 21.25 18.73 -10.81
N LYS A 136 20.12 19.29 -10.38
CA LYS A 136 19.73 19.23 -8.98
C LYS A 136 19.13 17.89 -8.58
N SER A 137 19.01 16.94 -9.50
CA SER A 137 18.42 15.65 -9.16
C SER A 137 19.25 14.50 -9.74
N THR A 138 20.56 14.72 -9.84
CA THR A 138 21.50 13.80 -10.48
C THR A 138 22.57 13.39 -9.47
N SER A 139 23.00 12.13 -9.52
CA SER A 139 24.18 11.69 -8.79
C SER A 139 24.76 10.48 -9.51
N GLY A 140 26.07 10.49 -9.73
CA GLY A 140 26.61 9.51 -10.64
C GLY A 140 26.03 9.76 -12.01
N GLY A 141 25.79 8.68 -12.74
CA GLY A 141 25.17 8.80 -14.05
C GLY A 141 23.67 8.53 -14.01
N THR A 142 23.04 8.80 -12.87
CA THR A 142 21.61 8.57 -12.70
C THR A 142 20.91 9.85 -12.27
N ALA A 143 19.73 10.08 -12.82
CA ALA A 143 18.91 11.24 -12.48
C ALA A 143 17.55 10.77 -11.98
N ALA A 144 17.01 11.50 -11.01
CA ALA A 144 15.65 11.27 -10.54
C ALA A 144 14.70 12.22 -11.28
N LEU A 145 13.52 11.71 -11.60
CA LEU A 145 12.44 12.49 -12.18
C LEU A 145 11.16 11.90 -11.66
N GLY A 146 10.06 12.64 -11.78
CA GLY A 146 8.84 12.08 -11.24
C GLY A 146 7.61 12.87 -11.66
N CYS A 147 6.49 12.47 -11.09
CA CYS A 147 5.24 13.20 -11.28
C CYS A 147 4.60 13.50 -9.94
N LEU A 148 4.10 14.72 -9.78
CA LEU A 148 3.34 15.10 -8.60
C LEU A 148 1.84 15.00 -8.92
N VAL A 149 1.11 14.17 -8.18
CA VAL A 149 -0.31 13.91 -8.40
C VAL A 149 -1.06 14.60 -7.25
N LYS A 150 -1.55 15.80 -7.50
CA LYS A 150 -1.94 16.74 -6.47
C LYS A 150 -3.46 16.92 -6.42
N ASP A 151 -4.01 16.95 -5.19
CA ASP A 151 -5.35 17.43 -4.89
C ASP A 151 -6.45 16.58 -5.52
N TYR A 152 -6.59 15.35 -5.04
CA TYR A 152 -7.66 14.49 -5.50
C TYR A 152 -8.37 13.86 -4.30
N PHE A 153 -9.54 13.29 -4.58
CA PHE A 153 -10.41 12.64 -3.61
C PHE A 153 -11.43 11.81 -4.37
N PRO A 154 -11.74 10.59 -3.90
CA PRO A 154 -11.09 9.86 -2.80
C PRO A 154 -9.82 9.15 -3.34
N GLU A 155 -9.14 8.40 -2.49
CA GLU A 155 -8.13 7.49 -2.98
C GLU A 155 -8.81 6.37 -3.77
N PRO A 156 -8.06 5.60 -4.58
CA PRO A 156 -6.65 5.65 -4.94
C PRO A 156 -6.41 6.25 -6.31
N VAL A 157 -5.14 6.53 -6.62
CA VAL A 157 -4.69 6.77 -7.98
C VAL A 157 -3.68 5.69 -8.30
N THR A 158 -3.53 5.36 -9.57
CA THR A 158 -2.44 4.51 -9.97
C THR A 158 -1.53 5.25 -10.93
N VAL A 159 -0.22 5.03 -10.79
CA VAL A 159 0.80 5.68 -11.61
C VAL A 159 1.64 4.59 -12.26
N SER A 160 1.87 4.74 -13.56
CA SER A 160 2.78 3.88 -14.31
C SER A 160 3.62 4.79 -15.18
N TRP A 161 4.77 4.27 -15.63
CA TRP A 161 5.74 5.02 -16.40
C TRP A 161 5.94 4.34 -17.74
N ASN A 162 5.87 5.12 -18.83
CA ASN A 162 5.96 4.62 -20.21
C ASN A 162 5.01 3.44 -20.45
N SER A 163 3.77 3.60 -19.99
CA SER A 163 2.77 2.52 -19.99
C SER A 163 3.37 1.22 -19.46
N GLY A 164 3.50 1.19 -18.14
CA GLY A 164 4.03 0.04 -17.44
C GLY A 164 5.43 -0.35 -17.87
N SER A 168 11.89 1.08 -12.59
CA SER A 168 13.28 1.54 -12.72
C SER A 168 13.68 2.28 -11.45
N GLY A 169 13.61 1.59 -10.32
CA GLY A 169 13.73 2.30 -9.06
C GLY A 169 12.51 3.12 -8.73
N VAL A 170 11.34 2.75 -9.28
CA VAL A 170 10.11 3.48 -9.00
C VAL A 170 9.90 3.51 -7.50
N HIS A 171 9.74 4.71 -6.97
CA HIS A 171 9.32 4.95 -5.60
C HIS A 171 8.01 5.71 -5.71
N THR A 172 6.94 5.11 -5.25
CA THR A 172 5.69 5.85 -5.15
C THR A 172 5.53 6.21 -3.67
N PHE A 173 5.45 7.53 -3.37
CA PHE A 173 5.32 7.99 -2.00
C PHE A 173 3.86 7.92 -1.56
N PRO A 174 3.57 7.28 -0.43
CA PRO A 174 2.17 7.12 -0.01
C PRO A 174 1.43 8.45 -0.03
N ALA A 175 0.17 8.38 -0.44
CA ALA A 175 -0.65 9.58 -0.47
C ALA A 175 -0.75 10.17 0.94
N VAL A 176 -0.76 11.49 1.01
CA VAL A 176 -0.91 12.20 2.28
C VAL A 176 -2.18 13.04 2.18
N LEU A 177 -2.95 13.05 3.25
CA LEU A 177 -4.11 13.93 3.35
C LEU A 177 -3.64 15.32 3.73
N GLN A 178 -3.92 16.29 2.87
CA GLN A 178 -3.53 17.65 3.12
C GLN A 178 -4.59 18.38 3.96
N SER A 179 -4.20 19.54 4.48
CA SER A 179 -5.12 20.38 5.25
C SER A 179 -6.34 20.84 4.43
N SER A 180 -6.22 20.88 3.09
CA SER A 180 -7.37 21.16 2.23
C SER A 180 -8.43 20.05 2.21
N GLY A 181 -8.17 18.89 2.82
CA GLY A 181 -9.11 17.76 2.68
C GLY A 181 -8.87 16.91 1.45
N LEU A 182 -7.81 17.18 0.70
CA LEU A 182 -7.54 16.46 -0.53
C LEU A 182 -6.18 15.76 -0.42
N TYR A 183 -6.03 14.72 -1.23
CA TYR A 183 -4.84 13.89 -1.25
C TYR A 183 -3.81 14.40 -2.26
N SER A 184 -2.52 14.15 -1.95
CA SER A 184 -1.45 14.30 -2.93
C SER A 184 -0.47 13.16 -2.78
N LEU A 185 0.14 12.80 -3.91
CA LEU A 185 1.14 11.75 -3.94
C LEU A 185 2.12 12.10 -5.03
N SER A 186 3.30 11.49 -4.93
CA SER A 186 4.33 11.61 -5.95
C SER A 186 4.82 10.24 -6.31
N SER A 187 5.19 10.08 -7.59
CA SER A 187 5.89 8.89 -8.07
C SER A 187 7.20 9.36 -8.66
N VAL A 188 8.31 8.73 -8.27
CA VAL A 188 9.65 9.15 -8.69
C VAL A 188 10.40 7.93 -9.23
N VAL A 189 11.10 8.12 -10.34
CA VAL A 189 11.90 7.05 -10.91
C VAL A 189 13.32 7.55 -11.10
N THR A 190 14.24 6.60 -11.16
CA THR A 190 15.65 6.87 -11.43
C THR A 190 15.99 6.39 -12.84
N VAL A 191 16.64 7.25 -13.61
CA VAL A 191 16.98 6.99 -15.01
C VAL A 191 18.43 7.37 -15.23
N PRO A 192 19.06 6.86 -16.30
CA PRO A 192 20.42 7.31 -16.62
C PRO A 192 20.43 8.75 -17.11
N SER A 193 21.40 9.52 -16.59
CA SER A 193 21.60 10.88 -17.04
C SER A 193 21.79 10.93 -18.54
N SER A 194 22.56 9.98 -19.08
CA SER A 194 22.82 9.91 -20.52
C SER A 194 21.53 9.89 -21.34
N SER A 195 20.41 9.48 -20.73
CA SER A 195 19.12 9.41 -21.40
C SER A 195 18.38 10.74 -21.45
N LEU A 196 18.78 11.71 -20.62
CA LEU A 196 18.04 12.96 -20.50
C LEU A 196 18.25 13.82 -21.74
N GLY A 197 17.16 14.09 -22.46
CA GLY A 197 17.22 14.79 -23.72
C GLY A 197 17.08 13.90 -24.94
N THR A 198 17.27 12.59 -24.77
CA THR A 198 17.03 11.61 -25.82
C THR A 198 15.70 10.88 -25.62
N GLN A 199 15.51 10.26 -24.47
CA GLN A 199 14.28 9.53 -24.20
C GLN A 199 13.25 10.43 -23.54
N THR A 200 12.00 10.27 -23.97
CA THR A 200 10.88 10.97 -23.36
C THR A 200 10.30 10.08 -22.28
N TYR A 201 10.18 10.63 -21.07
CA TYR A 201 9.64 9.90 -19.95
C TYR A 201 8.25 10.45 -19.67
N ILE A 202 7.31 9.54 -19.49
CA ILE A 202 5.89 9.87 -19.40
C ILE A 202 5.31 9.10 -18.24
N CYS A 203 4.63 9.81 -17.33
CA CYS A 203 3.90 9.12 -16.30
C CYS A 203 2.44 9.04 -16.71
N ASN A 204 1.84 7.88 -16.50
CA ASN A 204 0.41 7.66 -16.76
C ASN A 204 -0.30 7.55 -15.41
N VAL A 205 -1.28 8.43 -15.19
CA VAL A 205 -1.98 8.51 -13.92
C VAL A 205 -3.43 8.18 -14.16
N ASN A 206 -3.98 7.28 -13.35
CA ASN A 206 -5.39 6.95 -13.44
C ASN A 206 -6.07 7.15 -12.09
N HIS A 207 -7.16 7.89 -12.09
CA HIS A 207 -8.03 8.08 -10.92
C HIS A 207 -9.40 7.56 -11.33
N LYS A 208 -9.68 6.29 -11.02
CA LYS A 208 -10.97 5.71 -11.36
C LYS A 208 -12.19 6.44 -10.76
N PRO A 209 -12.20 6.86 -9.49
CA PRO A 209 -13.42 7.51 -8.97
C PRO A 209 -13.84 8.74 -9.76
N SER A 210 -12.91 9.39 -10.45
CA SER A 210 -13.28 10.54 -11.25
C SER A 210 -13.19 10.26 -12.73
N ASN A 211 -12.88 9.02 -13.13
CA ASN A 211 -12.68 8.69 -14.54
C ASN A 211 -11.64 9.62 -15.15
N THR A 212 -10.57 9.88 -14.40
CA THR A 212 -9.47 10.69 -14.89
C THR A 212 -8.32 9.77 -15.30
N LYS A 213 -7.80 9.99 -16.50
CA LYS A 213 -6.61 9.30 -17.01
C LYS A 213 -5.79 10.35 -17.75
N VAL A 214 -4.56 10.59 -17.27
CA VAL A 214 -3.73 11.69 -17.75
C VAL A 214 -2.33 11.14 -18.03
N ASP A 215 -1.75 11.56 -19.15
CA ASP A 215 -0.36 11.27 -19.49
C ASP A 215 0.43 12.58 -19.49
N LYS A 216 1.64 12.52 -18.93
CA LYS A 216 2.43 13.74 -18.74
C LYS A 216 3.89 13.42 -19.05
N LYS A 217 4.42 14.09 -20.07
CA LYS A 217 5.85 14.09 -20.33
C LYS A 217 6.55 14.79 -19.19
N VAL A 218 7.67 14.21 -18.75
CA VAL A 218 8.50 14.83 -17.72
C VAL A 218 9.81 15.20 -18.40
N GLU A 219 10.02 16.46 -18.58
CA GLU A 219 11.15 16.85 -19.39
C GLU A 219 12.25 17.49 -18.54
N PRO A 220 13.51 17.33 -18.95
CA PRO A 220 14.62 17.91 -18.17
C PRO A 220 14.55 19.44 -18.11
N LYS A 221 15.06 19.99 -17.01
CA LYS A 221 15.22 21.42 -16.83
C LYS A 221 16.67 21.74 -16.56
N SER A 222 17.07 22.97 -16.91
CA SER A 222 18.45 23.42 -16.81
C SER A 222 18.62 24.41 -15.67
N ASP B 1 -17.65 -17.11 18.29
CA ASP B 1 -16.58 -16.23 17.84
C ASP B 1 -15.22 -16.67 18.38
N ILE B 2 -14.33 -17.12 17.51
CA ILE B 2 -12.97 -17.43 17.93
C ILE B 2 -12.12 -16.19 17.80
N GLN B 3 -11.32 -15.91 18.82
CA GLN B 3 -10.38 -14.81 18.79
C GLN B 3 -8.97 -15.34 18.55
N MET B 4 -8.22 -14.67 17.67
CA MET B 4 -6.84 -15.02 17.35
C MET B 4 -5.96 -13.86 17.79
N THR B 5 -4.95 -14.13 18.62
CA THR B 5 -4.10 -13.10 19.20
C THR B 5 -2.67 -13.37 18.79
N GLN B 6 -2.08 -12.47 18.01
CA GLN B 6 -0.68 -12.66 17.63
C GLN B 6 0.17 -11.72 18.45
N SER B 7 1.43 -12.07 18.56
CA SER B 7 2.35 -11.31 19.34
C SER B 7 3.74 -11.53 18.73
N PRO B 8 4.58 -10.49 18.66
CA PRO B 8 4.33 -9.09 19.09
C PRO B 8 3.60 -8.38 18.00
N SER B 9 3.12 -7.16 18.25
CA SER B 9 2.44 -6.44 17.19
C SER B 9 3.41 -5.90 16.15
N THR B 10 4.62 -5.54 16.58
CA THR B 10 5.64 -5.10 15.64
C THR B 10 6.95 -5.77 16.08
N LEU B 11 7.83 -6.05 15.11
CA LEU B 11 9.02 -6.87 15.35
C LEU B 11 10.12 -6.27 14.51
N SER B 12 11.08 -5.61 15.13
CA SER B 12 12.21 -4.99 14.43
C SER B 12 13.47 -5.75 14.81
N ALA B 13 14.17 -6.30 13.81
CA ALA B 13 15.37 -7.10 14.06
C ALA B 13 16.32 -6.95 12.89
N SER B 14 17.44 -7.64 12.97
CA SER B 14 18.52 -7.44 12.03
C SER B 14 18.57 -8.63 11.07
N VAL B 15 19.12 -8.39 9.87
CA VAL B 15 19.29 -9.45 8.88
C VAL B 15 20.08 -10.59 9.48
N GLY B 16 19.57 -11.79 9.34
CA GLY B 16 20.25 -12.96 9.85
C GLY B 16 19.74 -13.37 11.19
N ASP B 17 18.92 -12.54 11.85
CA ASP B 17 18.37 -12.97 13.14
C ASP B 17 17.28 -14.02 12.95
N ARG B 18 17.26 -14.99 13.85
CA ARG B 18 16.08 -15.86 13.96
C ARG B 18 14.96 -15.08 14.66
N VAL B 19 13.78 -15.03 14.05
CA VAL B 19 12.67 -14.32 14.65
C VAL B 19 11.44 -15.21 14.68
N THR B 20 10.66 -15.09 15.75
CA THR B 20 9.46 -15.91 15.89
C THR B 20 8.28 -15.06 16.30
N ILE B 21 7.14 -15.34 15.69
CA ILE B 21 5.85 -14.74 16.00
C ILE B 21 4.96 -15.81 16.62
N THR B 22 4.17 -15.45 17.62
CA THR B 22 3.25 -16.43 18.19
C THR B 22 1.83 -16.07 17.79
N CYS B 23 0.99 -17.10 17.69
CA CYS B 23 -0.44 -16.93 17.53
C CYS B 23 -1.15 -17.84 18.52
N ARG B 24 -2.14 -17.30 19.21
CA ARG B 24 -2.92 -18.04 20.21
C ARG B 24 -4.39 -18.02 19.80
N ALA B 25 -5.05 -19.17 19.82
CA ALA B 25 -6.46 -19.30 19.45
C ALA B 25 -7.29 -19.48 20.70
N SER B 26 -8.42 -18.76 20.81
CA SER B 26 -9.24 -18.87 22.01
C SER B 26 -10.04 -20.17 22.09
N GLN B 27 -9.99 -21.02 21.06
CA GLN B 27 -10.56 -22.37 21.06
C GLN B 27 -9.56 -23.32 20.40
N PHE B 28 -9.78 -24.63 20.58
CA PHE B 28 -8.99 -25.64 19.89
C PHE B 28 -9.27 -25.61 18.39
N ILE B 29 -8.23 -25.47 17.57
CA ILE B 29 -8.45 -25.43 16.14
C ILE B 29 -7.71 -26.55 15.39
N SER B 30 -7.35 -27.63 16.08
CA SER B 30 -6.38 -28.62 15.58
C SER B 30 -5.16 -27.98 14.95
N ARG B 31 -4.90 -28.30 13.69
CA ARG B 31 -3.85 -27.62 12.97
C ARG B 31 -4.40 -26.79 11.81
N TRP B 32 -5.66 -26.41 11.90
CA TRP B 32 -6.23 -25.65 10.79
C TRP B 32 -5.89 -24.16 10.98
N LEU B 33 -4.58 -23.89 10.84
CA LEU B 33 -4.01 -22.56 11.05
C LEU B 33 -3.13 -22.23 9.84
N ALA B 34 -3.37 -21.09 9.21
CA ALA B 34 -2.57 -20.66 8.07
C ALA B 34 -1.83 -19.37 8.43
N TRP B 35 -0.77 -19.07 7.67
CA TRP B 35 -0.02 -17.81 7.88
C TRP B 35 0.07 -17.10 6.55
N TYR B 36 -0.30 -15.80 6.52
CA TYR B 36 -0.28 -14.98 5.32
C TYR B 36 0.79 -13.89 5.45
N GLN B 37 1.38 -13.50 4.33
CA GLN B 37 2.34 -12.40 4.26
C GLN B 37 1.69 -11.31 3.43
N GLN B 38 1.75 -10.08 3.90
CA GLN B 38 1.20 -9.01 3.09
C GLN B 38 2.18 -7.84 3.01
N LYS B 39 2.47 -7.43 1.86
CA LYS B 39 3.27 -6.22 1.69
C LYS B 39 2.41 -5.04 1.28
N PRO B 40 2.82 -3.80 1.61
CA PRO B 40 1.94 -2.64 1.38
C PRO B 40 1.58 -2.49 -0.08
N GLY B 41 0.31 -2.13 -0.31
CA GLY B 41 -0.26 -2.09 -1.65
C GLY B 41 -0.39 -3.42 -2.37
N LYS B 42 -0.25 -4.55 -1.67
CA LYS B 42 -0.48 -5.85 -2.32
C LYS B 42 -1.55 -6.66 -1.58
N ALA B 43 -2.21 -7.57 -2.32
CA ALA B 43 -3.02 -8.62 -1.71
C ALA B 43 -2.16 -9.56 -0.88
N PRO B 44 -2.72 -10.14 0.16
CA PRO B 44 -1.96 -11.11 0.95
C PRO B 44 -1.64 -12.33 0.12
N LYS B 45 -0.60 -13.02 0.56
CA LYS B 45 -0.13 -14.25 -0.06
C LYS B 45 -0.03 -15.34 1.01
N LEU B 46 -0.61 -16.51 0.72
CA LEU B 46 -0.47 -17.64 1.64
C LEU B 46 0.98 -18.13 1.69
N LEU B 47 1.52 -18.30 2.90
CA LEU B 47 2.86 -18.86 3.12
C LEU B 47 2.85 -20.26 3.71
N ILE B 48 2.08 -20.48 4.77
CA ILE B 48 2.07 -21.73 5.51
C ILE B 48 0.63 -22.14 5.74
N TYR B 49 0.31 -23.43 5.54
CA TYR B 49 -1.03 -23.91 5.86
C TYR B 49 -0.93 -25.18 6.70
N LYS B 50 -2.05 -25.58 7.28
CA LYS B 50 -2.10 -26.70 8.21
C LYS B 50 -0.92 -26.63 9.19
N ALA B 51 -0.71 -25.41 9.70
CA ALA B 51 0.24 -25.05 10.77
C ALA B 51 1.72 -25.12 10.38
N SER B 52 2.11 -26.09 9.56
CA SER B 52 3.52 -26.25 9.31
C SER B 52 3.84 -26.58 7.86
N SER B 53 2.86 -26.61 6.95
CA SER B 53 3.13 -26.94 5.55
C SER B 53 3.43 -25.67 4.76
N LEU B 54 4.50 -25.68 3.97
CA LEU B 54 4.86 -24.51 3.17
C LEU B 54 4.24 -24.54 1.78
N GLU B 55 3.74 -23.39 1.34
CA GLU B 55 3.39 -23.18 -0.07
C GLU B 55 4.62 -23.39 -0.96
N SER B 56 4.41 -23.85 -2.19
CA SER B 56 5.55 -24.00 -3.08
C SER B 56 6.15 -22.62 -3.38
N GLY B 57 7.49 -22.58 -3.54
CA GLY B 57 8.17 -21.30 -3.71
C GLY B 57 8.40 -20.48 -2.44
N VAL B 58 7.83 -20.88 -1.30
CA VAL B 58 8.15 -20.19 -0.04
C VAL B 58 9.55 -20.63 0.42
N PRO B 59 10.43 -19.69 0.73
CA PRO B 59 11.82 -20.03 1.11
C PRO B 59 11.88 -20.90 2.35
N SER B 60 12.90 -21.76 2.40
CA SER B 60 13.03 -22.72 3.50
C SER B 60 13.32 -22.05 4.85
N ARG B 61 13.73 -20.78 4.88
CA ARG B 61 13.91 -20.13 6.19
C ARG B 61 12.60 -19.93 6.94
N PHE B 62 11.45 -20.06 6.26
CA PHE B 62 10.17 -19.99 6.93
C PHE B 62 9.74 -21.35 7.45
N SER B 63 9.13 -21.34 8.63
CA SER B 63 8.61 -22.58 9.15
C SER B 63 7.51 -22.23 10.14
N GLY B 64 6.63 -23.18 10.37
CA GLY B 64 5.55 -22.98 11.33
C GLY B 64 5.43 -24.20 12.21
N SER B 65 4.84 -23.98 13.39
CA SER B 65 4.71 -25.06 14.36
C SER B 65 3.44 -24.85 15.17
N GLY B 66 2.97 -25.91 15.81
CA GLY B 66 1.93 -25.81 16.82
C GLY B 66 0.71 -26.64 16.47
N SER B 67 -0.19 -26.73 17.47
CA SER B 67 -1.46 -27.41 17.32
C SER B 67 -2.43 -26.90 18.39
N GLU B 68 -3.72 -27.11 18.13
CA GLU B 68 -4.76 -26.82 19.10
C GLU B 68 -4.94 -25.35 19.40
N THR B 69 -4.09 -24.73 20.25
CA THR B 69 -4.30 -23.32 20.61
C THR B 69 -3.04 -22.44 20.54
N HIS B 70 -1.84 -23.01 20.42
CA HIS B 70 -0.63 -22.21 20.43
C HIS B 70 0.15 -22.51 19.17
N PHE B 71 0.52 -21.46 18.46
CA PHE B 71 1.14 -21.64 17.15
C PHE B 71 2.26 -20.64 17.03
N THR B 72 3.24 -20.98 16.20
CA THR B 72 4.32 -20.03 15.92
C THR B 72 4.72 -20.09 14.46
N LEU B 73 5.26 -18.97 14.03
CA LEU B 73 5.86 -18.80 12.73
C LEU B 73 7.28 -18.32 12.95
N THR B 74 8.26 -19.00 12.35
CA THR B 74 9.65 -18.64 12.56
C THR B 74 10.26 -18.29 11.22
N ILE B 75 11.07 -17.24 11.21
CA ILE B 75 11.99 -16.97 10.11
C ILE B 75 13.39 -17.24 10.65
N SER B 76 14.09 -18.28 10.13
CA SER B 76 15.32 -18.67 10.82
C SER B 76 16.44 -17.69 10.57
N SER B 77 16.35 -16.90 9.50
CA SER B 77 17.42 -15.96 9.17
C SER B 77 16.76 -14.81 8.42
N LEU B 78 16.43 -13.74 9.16
CA LEU B 78 15.61 -12.69 8.57
C LEU B 78 16.33 -12.04 7.39
N GLN B 79 15.61 -11.82 6.30
CA GLN B 79 16.23 -11.30 5.08
C GLN B 79 15.53 -10.01 4.69
N PRO B 80 16.17 -9.13 3.93
CA PRO B 80 15.53 -7.82 3.61
C PRO B 80 14.14 -7.96 2.98
N ASP B 81 13.98 -8.91 2.08
CA ASP B 81 12.67 -9.07 1.44
C ASP B 81 11.59 -9.65 2.37
N ASP B 82 11.90 -9.96 3.63
CA ASP B 82 10.89 -10.44 4.56
C ASP B 82 10.11 -9.33 5.24
N VAL B 83 10.50 -8.07 5.04
CA VAL B 83 9.76 -6.99 5.67
C VAL B 83 8.35 -7.01 5.11
N ALA B 84 7.35 -7.07 6.01
CA ALA B 84 5.97 -7.31 5.59
C ALA B 84 5.15 -7.37 6.85
N THR B 85 3.84 -7.48 6.71
CA THR B 85 3.01 -7.76 7.86
C THR B 85 2.54 -9.20 7.73
N TYR B 86 2.57 -9.95 8.83
CA TYR B 86 2.26 -11.38 8.82
C TYR B 86 1.03 -11.59 9.67
N TYR B 87 0.07 -12.37 9.13
CA TYR B 87 -1.21 -12.64 9.78
C TYR B 87 -1.38 -14.14 9.96
N CYS B 88 -1.75 -14.55 11.17
CA CYS B 88 -2.24 -15.91 11.30
C CYS B 88 -3.73 -15.93 11.01
N GLN B 89 -4.25 -17.11 10.67
CA GLN B 89 -5.63 -17.23 10.24
C GLN B 89 -6.15 -18.62 10.54
N GLU B 90 -7.26 -18.74 11.29
CA GLU B 90 -7.91 -20.03 11.51
C GLU B 90 -8.92 -20.32 10.40
N TYR B 91 -9.00 -21.59 9.97
CA TYR B 91 -9.98 -21.98 8.98
C TYR B 91 -10.62 -23.30 9.42
N THR B 92 -11.01 -23.39 10.70
CA THR B 92 -11.73 -24.59 11.14
C THR B 92 -13.10 -24.79 10.49
N SER B 93 -13.75 -23.75 9.99
CA SER B 93 -15.13 -23.86 9.59
C SER B 93 -15.34 -22.98 8.36
N TYR B 94 -16.59 -22.59 8.11
CA TYR B 94 -16.92 -21.94 6.83
C TYR B 94 -16.24 -20.59 6.68
N GLY B 95 -16.24 -19.80 7.74
CA GLY B 95 -15.62 -18.49 7.73
C GLY B 95 -14.14 -18.58 8.07
N ARG B 96 -13.57 -17.40 8.38
CA ARG B 96 -12.15 -17.27 8.69
C ARG B 96 -12.00 -16.24 9.79
N THR B 97 -10.93 -16.34 10.56
CA THR B 97 -10.56 -15.30 11.53
C THR B 97 -9.06 -15.03 11.41
N PHE B 98 -8.70 -13.76 11.17
CA PHE B 98 -7.30 -13.35 11.13
C PHE B 98 -6.84 -12.83 12.49
N GLY B 99 -5.58 -13.12 12.85
CA GLY B 99 -4.95 -12.40 13.96
C GLY B 99 -4.78 -10.92 13.65
N GLN B 100 -4.28 -10.11 14.59
CA GLN B 100 -4.23 -8.68 14.31
C GLN B 100 -3.05 -8.30 13.42
N GLY B 101 -2.15 -9.24 13.16
CA GLY B 101 -1.02 -8.96 12.30
C GLY B 101 0.24 -8.59 13.11
N THR B 102 1.41 -8.94 12.57
CA THR B 102 2.73 -8.62 13.14
C THR B 102 3.51 -7.92 12.03
N LYS B 103 3.89 -6.68 12.25
CA LYS B 103 4.70 -5.97 11.25
C LYS B 103 6.17 -6.27 11.52
N VAL B 104 6.86 -6.88 10.55
CA VAL B 104 8.28 -7.21 10.69
C VAL B 104 9.07 -6.13 9.98
N GLU B 105 9.99 -5.49 10.71
CA GLU B 105 10.83 -4.41 10.21
C GLU B 105 12.31 -4.74 10.39
N ILE B 106 13.17 -4.15 9.58
CA ILE B 106 14.59 -4.49 9.64
C ILE B 106 15.38 -3.30 10.18
N LYS B 107 16.25 -3.57 11.16
CA LYS B 107 17.26 -2.61 11.57
C LYS B 107 18.58 -2.93 10.87
N ARG B 108 19.25 -1.91 10.36
CA ARG B 108 20.46 -2.03 9.56
C ARG B 108 21.39 -0.87 9.89
N THR B 109 22.55 -0.84 9.24
CA THR B 109 23.52 0.22 9.47
C THR B 109 23.00 1.55 8.92
N VAL B 110 23.51 2.63 9.51
CA VAL B 110 23.12 3.97 9.08
C VAL B 110 23.48 4.14 7.61
N ALA B 111 22.57 4.74 6.84
CA ALA B 111 22.83 5.08 5.45
C ALA B 111 22.41 6.53 5.28
N ALA B 112 23.32 7.38 4.86
CA ALA B 112 22.98 8.80 4.71
C ALA B 112 22.11 9.01 3.47
N PRO B 113 21.19 9.96 3.49
CA PRO B 113 20.36 10.21 2.29
C PRO B 113 21.15 10.92 1.20
N SER B 114 20.82 10.60 -0.04
CA SER B 114 21.07 11.50 -1.15
C SER B 114 19.94 12.52 -1.21
N VAL B 115 20.26 13.76 -1.54
CA VAL B 115 19.26 14.84 -1.47
C VAL B 115 19.12 15.49 -2.83
N PHE B 116 17.89 15.50 -3.34
CA PHE B 116 17.53 16.11 -4.62
C PHE B 116 16.48 17.18 -4.39
N ILE B 117 16.38 18.13 -5.33
CA ILE B 117 15.36 19.17 -5.24
C ILE B 117 14.76 19.42 -6.62
N PHE B 118 13.45 19.74 -6.62
CA PHE B 118 12.69 19.93 -7.86
C PHE B 118 11.97 21.27 -7.81
N PRO B 119 12.17 22.15 -8.78
CA PRO B 119 11.39 23.40 -8.82
C PRO B 119 9.94 23.14 -9.21
N PRO B 120 9.05 24.11 -9.02
CA PRO B 120 7.68 23.95 -9.51
C PRO B 120 7.65 23.92 -11.03
N SER B 121 6.69 23.18 -11.57
CA SER B 121 6.45 23.23 -13.00
C SER B 121 5.78 24.52 -13.41
N ASP B 122 6.01 24.93 -14.66
CA ASP B 122 5.29 26.07 -15.21
C ASP B 122 3.79 25.81 -15.29
N GLU B 123 3.39 24.56 -15.53
CA GLU B 123 1.97 24.25 -15.59
C GLU B 123 1.29 24.51 -14.24
N GLN B 124 1.93 24.13 -13.13
CA GLN B 124 1.35 24.45 -11.83
C GLN B 124 1.34 25.94 -11.58
N LEU B 125 2.40 26.64 -11.98
CA LEU B 125 2.45 28.08 -11.73
C LEU B 125 1.31 28.80 -12.43
N LYS B 126 0.88 28.29 -13.59
CA LYS B 126 -0.27 28.88 -14.29
C LYS B 126 -1.54 28.82 -13.44
N SER B 127 -1.60 27.90 -12.48
CA SER B 127 -2.72 27.73 -11.55
C SER B 127 -2.58 28.56 -10.28
N GLY B 128 -1.55 29.39 -10.15
CA GLY B 128 -1.39 30.27 -9.00
C GLY B 128 -0.73 29.65 -7.77
N THR B 129 -0.27 28.39 -7.88
CA THR B 129 0.31 27.60 -6.81
C THR B 129 1.73 27.17 -7.18
N ALA B 130 2.57 26.95 -6.18
CA ALA B 130 3.95 26.59 -6.44
C ALA B 130 4.36 25.53 -5.42
N SER B 131 4.50 24.29 -5.87
CA SER B 131 4.96 23.22 -5.02
C SER B 131 6.43 22.95 -5.32
N VAL B 132 7.25 22.94 -4.27
CA VAL B 132 8.68 22.66 -4.36
C VAL B 132 8.94 21.36 -3.63
N VAL B 133 9.64 20.43 -4.28
CA VAL B 133 9.78 19.09 -3.75
C VAL B 133 11.24 18.81 -3.44
N CYS B 134 11.49 18.32 -2.23
CA CYS B 134 12.80 17.89 -1.77
C CYS B 134 12.73 16.39 -1.56
N LEU B 135 13.69 15.66 -2.12
CA LEU B 135 13.69 14.21 -2.05
C LEU B 135 14.92 13.70 -1.32
N LEU B 136 14.73 12.89 -0.28
CA LEU B 136 15.84 12.22 0.42
C LEU B 136 15.84 10.76 0.00
N ASN B 137 16.95 10.26 -0.52
CA ASN B 137 16.91 8.94 -1.14
C ASN B 137 17.72 7.92 -0.35
N ASN B 138 17.07 6.79 -0.07
CA ASN B 138 17.69 5.54 0.38
C ASN B 138 18.53 5.76 1.63
N PHE B 139 17.84 6.09 2.72
CA PHE B 139 18.53 6.39 3.95
C PHE B 139 17.97 5.49 5.06
N TYR B 140 18.72 5.44 6.14
CA TYR B 140 18.39 4.70 7.36
C TYR B 140 19.18 5.33 8.52
N PRO B 141 18.55 5.60 9.66
CA PRO B 141 17.16 5.27 10.00
C PRO B 141 16.15 6.25 9.42
N ARG B 142 14.87 5.95 9.69
CA ARG B 142 13.76 6.66 9.07
C ARG B 142 13.73 8.13 9.48
N GLU B 143 14.20 8.44 10.68
CA GLU B 143 14.21 9.80 11.22
C GLU B 143 15.10 10.74 10.40
N ALA B 144 14.51 11.80 9.87
CA ALA B 144 15.26 12.84 9.20
C ALA B 144 14.59 14.18 9.45
N LYS B 145 15.40 15.22 9.57
CA LYS B 145 14.91 16.58 9.72
C LYS B 145 15.12 17.29 8.41
N VAL B 146 14.02 17.81 7.85
CA VAL B 146 14.04 18.58 6.61
C VAL B 146 13.61 19.99 6.96
N GLN B 147 14.36 20.98 6.49
CA GLN B 147 14.00 22.36 6.73
C GLN B 147 13.95 23.09 5.40
N TRP B 148 12.87 23.82 5.16
CA TRP B 148 12.73 24.68 4.00
C TRP B 148 13.16 26.10 4.36
N LYS B 149 14.06 26.67 3.57
CA LYS B 149 14.54 28.03 3.71
C LYS B 149 14.34 28.75 2.40
N VAL B 150 13.62 29.85 2.43
CA VAL B 150 13.35 30.68 1.26
C VAL B 150 13.98 32.04 1.52
N ASP B 151 14.98 32.40 0.70
CA ASP B 151 15.84 33.57 0.96
C ASP B 151 16.41 33.55 2.38
N ASN B 152 16.81 32.36 2.83
CA ASN B 152 17.29 32.05 4.16
C ASN B 152 16.25 32.24 5.27
N ALA B 153 14.98 32.45 4.91
CA ALA B 153 13.89 32.56 5.88
C ALA B 153 13.32 31.18 6.16
N LEU B 154 13.54 30.68 7.37
CA LEU B 154 13.14 29.31 7.69
C LEU B 154 11.63 29.17 7.67
N GLN B 155 11.16 28.20 6.90
CA GLN B 155 9.74 27.96 6.68
C GLN B 155 9.18 27.04 7.74
N SER B 156 7.88 27.14 7.97
CA SER B 156 7.20 26.39 9.01
C SER B 156 5.72 26.35 8.63
N GLY B 157 5.10 25.19 8.80
CA GLY B 157 3.67 25.04 8.60
C GLY B 157 3.20 24.78 7.18
N ASN B 158 4.02 25.04 6.16
CA ASN B 158 3.55 25.05 4.78
C ASN B 158 4.11 23.89 3.95
N SER B 159 4.58 22.83 4.60
CA SER B 159 5.15 21.69 3.90
C SER B 159 4.59 20.38 4.47
N GLN B 160 4.72 19.31 3.69
CA GLN B 160 4.25 18.01 4.10
C GLN B 160 5.20 16.94 3.59
N GLU B 161 5.32 15.87 4.38
CA GLU B 161 6.28 14.81 4.13
C GLU B 161 5.54 13.51 3.87
N SER B 162 6.16 12.68 3.06
CA SER B 162 5.67 11.33 2.86
C SER B 162 6.91 10.43 2.81
N VAL B 163 6.88 9.31 3.52
CA VAL B 163 7.98 8.35 3.59
C VAL B 163 7.53 7.05 2.94
N THR B 164 8.37 6.48 2.07
CA THR B 164 8.09 5.17 1.50
C THR B 164 8.11 4.08 2.57
N GLU B 165 7.59 2.91 2.18
CA GLU B 165 7.83 1.68 2.92
C GLU B 165 9.32 1.35 2.91
N GLN B 166 9.72 0.48 3.84
CA GLN B 166 11.11 0.03 3.85
C GLN B 166 11.44 -0.77 2.58
N ASP B 167 12.59 -0.48 1.99
CA ASP B 167 12.92 -1.11 0.71
C ASP B 167 13.21 -2.61 0.88
N SER B 168 12.69 -3.40 -0.07
CA SER B 168 12.78 -4.85 0.00
C SER B 168 14.17 -5.38 -0.29
N LYS B 169 15.04 -4.60 -0.94
CA LYS B 169 16.39 -5.05 -1.25
C LYS B 169 17.44 -4.60 -0.23
N ASP B 170 17.40 -3.35 0.24
CA ASP B 170 18.44 -2.88 1.15
C ASP B 170 17.92 -2.21 2.41
N SER B 171 16.60 -2.32 2.70
CA SER B 171 15.97 -1.93 3.96
C SER B 171 16.09 -0.44 4.24
N THR B 172 16.28 0.38 3.22
CA THR B 172 16.32 1.82 3.41
C THR B 172 14.95 2.42 3.14
N TYR B 173 14.85 3.71 3.40
CA TYR B 173 13.65 4.50 3.15
C TYR B 173 13.96 5.62 2.16
N SER B 174 12.91 6.17 1.55
CA SER B 174 13.03 7.47 0.91
C SER B 174 11.93 8.37 1.45
N LEU B 175 12.15 9.67 1.39
CA LEU B 175 11.15 10.60 1.90
C LEU B 175 11.05 11.77 0.96
N SER B 176 9.83 12.26 0.76
CA SER B 176 9.65 13.50 0.02
C SER B 176 9.10 14.57 0.96
N SER B 177 9.58 15.79 0.82
CA SER B 177 8.98 16.95 1.48
C SER B 177 8.51 17.89 0.39
N THR B 178 7.23 18.25 0.42
CA THR B 178 6.66 19.21 -0.52
C THR B 178 6.30 20.50 0.18
N LEU B 179 6.91 21.59 -0.27
CA LEU B 179 6.63 22.94 0.18
C LEU B 179 5.71 23.59 -0.84
N THR B 180 4.53 24.04 -0.40
CA THR B 180 3.56 24.65 -1.29
C THR B 180 3.35 26.10 -0.89
N LEU B 181 3.64 27.00 -1.81
CA LEU B 181 3.43 28.44 -1.68
C LEU B 181 2.44 28.87 -2.75
N SER B 182 1.90 30.07 -2.56
CA SER B 182 1.15 30.71 -3.62
C SER B 182 2.12 31.16 -4.71
N LYS B 183 1.58 31.33 -5.93
CA LYS B 183 2.41 31.84 -7.02
C LYS B 183 3.03 33.18 -6.64
N ALA B 184 2.26 34.05 -5.98
CA ALA B 184 2.77 35.38 -5.64
C ALA B 184 3.93 35.30 -4.66
N ASP B 185 3.85 34.42 -3.66
CA ASP B 185 4.97 34.22 -2.74
C ASP B 185 6.17 33.65 -3.47
N TYR B 186 5.95 32.64 -4.30
CA TYR B 186 7.06 31.99 -5.00
C TYR B 186 7.83 32.98 -5.87
N GLU B 187 7.13 33.82 -6.64
CA GLU B 187 7.80 34.79 -7.50
C GLU B 187 8.36 35.96 -6.71
N LYS B 188 8.02 36.08 -5.42
CA LYS B 188 8.57 37.11 -4.56
C LYS B 188 10.03 36.84 -4.22
N HIS B 189 10.47 35.58 -4.28
CA HIS B 189 11.73 35.18 -3.69
C HIS B 189 12.64 34.49 -4.71
N LYS B 190 13.93 34.45 -4.37
CA LYS B 190 15.00 34.02 -5.28
C LYS B 190 15.60 32.66 -4.94
N VAL B 191 15.87 32.37 -3.67
CA VAL B 191 16.60 31.17 -3.26
C VAL B 191 15.62 30.23 -2.56
N TYR B 192 15.54 28.99 -3.07
CA TYR B 192 14.77 27.92 -2.44
C TYR B 192 15.71 26.80 -2.05
N ALA B 193 15.68 26.43 -0.77
CA ALA B 193 16.63 25.47 -0.25
C ALA B 193 15.92 24.52 0.68
N CYS B 194 16.28 23.24 0.64
CA CYS B 194 15.93 22.32 1.72
C CYS B 194 17.23 21.85 2.36
N GLU B 195 17.28 21.93 3.68
CA GLU B 195 18.45 21.54 4.42
C GLU B 195 18.08 20.32 5.24
N VAL B 196 18.96 19.33 5.24
CA VAL B 196 18.65 18.01 5.76
C VAL B 196 19.67 17.67 6.83
N THR B 197 19.17 17.18 7.95
CA THR B 197 20.05 16.61 8.96
C THR B 197 19.62 15.17 9.20
N HIS B 198 20.62 14.32 9.42
CA HIS B 198 20.38 12.88 9.51
C HIS B 198 21.63 12.28 10.11
N GLN B 199 21.46 11.13 10.77
CA GLN B 199 22.60 10.51 11.45
C GLN B 199 23.75 10.27 10.48
N GLY B 200 23.44 9.88 9.25
CA GLY B 200 24.50 9.55 8.32
C GLY B 200 25.33 10.73 7.86
N LEU B 201 24.93 11.95 8.20
CA LEU B 201 25.53 13.16 7.62
C LEU B 201 26.32 13.88 8.71
N SER B 202 27.63 14.03 8.47
CA SER B 202 28.50 14.71 9.43
C SER B 202 28.10 16.17 9.58
N SER B 203 27.94 16.88 8.46
CA SER B 203 27.40 18.23 8.45
C SER B 203 26.11 18.25 7.62
N PRO B 204 25.16 19.14 7.95
CA PRO B 204 23.89 19.17 7.21
C PRO B 204 24.10 19.43 5.72
N VAL B 205 23.25 18.83 4.91
CA VAL B 205 23.30 19.03 3.46
C VAL B 205 22.20 19.98 3.05
N THR B 206 22.52 20.87 2.12
CA THR B 206 21.55 21.83 1.58
C THR B 206 21.57 21.71 0.06
N LYS B 207 20.42 21.39 -0.51
CA LYS B 207 20.22 21.55 -1.94
C LYS B 207 19.40 22.81 -2.18
N SER B 208 19.78 23.56 -3.22
CA SER B 208 19.21 24.87 -3.51
C SER B 208 19.09 25.09 -5.00
N PHE B 209 18.16 25.97 -5.37
CA PHE B 209 18.13 26.52 -6.72
C PHE B 209 17.67 27.96 -6.63
N ASN B 210 18.07 28.75 -7.62
CA ASN B 210 17.54 30.10 -7.80
C ASN B 210 16.35 30.03 -8.75
N ARG B 211 15.23 30.64 -8.34
CA ARG B 211 14.06 30.74 -9.22
C ARG B 211 14.45 31.44 -10.51
N GLY B 212 14.28 30.75 -11.64
CA GLY B 212 14.72 31.27 -12.91
C GLY B 212 16.21 31.55 -13.00
N ALA C 2 -14.02 -33.53 8.27
CA ALA C 2 -14.79 -32.68 9.16
C ALA C 2 -14.63 -31.21 8.79
N ASN C 3 -13.44 -30.82 8.35
CA ASN C 3 -13.19 -29.43 7.95
C ASN C 3 -13.78 -29.16 6.56
N PRO C 4 -14.75 -28.25 6.43
CA PRO C 4 -15.44 -28.06 5.13
C PRO C 4 -14.55 -27.43 4.06
N ASN C 5 -13.37 -26.90 4.40
CA ASN C 5 -12.41 -26.35 3.46
C ASN C 5 -11.35 -27.37 3.01
N VAL C 6 -11.34 -28.58 3.55
CA VAL C 6 -10.29 -29.55 3.25
C VAL C 6 -10.90 -30.83 2.65
N ASP C 7 -10.45 -31.22 1.46
CA ASP C 7 -10.84 -32.51 0.85
C ASP C 7 -12.36 -32.66 0.70
S SO4 D . -28.59 -13.41 5.00
O1 SO4 D . -27.43 -14.04 4.37
O2 SO4 D . -28.79 -12.03 4.49
O3 SO4 D . -28.42 -13.33 6.45
O4 SO4 D . -29.78 -14.21 4.67
C1 EDO E . -19.23 19.70 -5.91
O1 EDO E . -17.81 19.83 -5.74
C2 EDO E . -19.96 19.91 -4.58
O2 EDO E . -20.19 21.31 -4.36
C1 EDO F . -14.47 -0.61 -9.26
O1 EDO F . -13.23 -0.18 -9.82
C2 EDO F . -15.62 0.24 -9.80
O2 EDO F . -16.36 -0.50 -10.79
C1 EDO G . 26.04 1.13 12.48
O1 EDO G . 25.51 2.27 11.81
C2 EDO G . 25.06 0.76 13.58
O2 EDO G . 24.61 1.98 14.19
#